data_5VLH
#
_entry.id   5VLH
#
_cell.length_a   70.748
_cell.length_b   70.748
_cell.length_c   158.784
_cell.angle_alpha   90.00
_cell.angle_beta   90.00
_cell.angle_gamma   120.00
#
_symmetry.space_group_name_H-M   'P 32 2 1'
#
loop_
_entity.id
_entity.type
_entity.pdbx_description
1 polymer 'Proprotein convertase subtilisin/kexin type 9'
2 polymer CYS-ARG-LEU-PRO-TRP-ASN-LEU-GLN-ARG-ILE-GLY-LEU-PRO-CYS
3 polymer ACE-THR-VAL-PHE-THR-SER-TRP-GLU-GLU-TYR-LEU-ASP-TRP-VAL-NH2
4 non-polymer 'CALCIUM ION'
#
loop_
_entity_poly.entity_id
_entity_poly.type
_entity_poly.pdbx_seq_one_letter_code
_entity_poly.pdbx_strand_id
1 'polypeptide(L)'
;MGTVSSRRSWWPLPLLLLLLLLLGPAGARAQEDEDGDYEELVLALRSEEDGLAEAPEHGTTATFHRCAKDPWRLPGTYVV
VLKEETHLSQSERTARRLQAQAARRGYLTKILHVFHGLLPGFLVKMSGDLLELALKLPHVDYIEEDSSVFAQSIPWNLER
ITPPRYSADEYQPPDGGSLVEVYLLDTSIQSDHREIEGRVMVTDFENVPEEDGTRFHRQASKCDSHGTHLAGVVSGRDAG
VAKGASMRSLRVLNCQGKGTVSGTLIGLEFIRKSQLVQPVGPLVVLLPLAGGYSRVLNAACQRLARAGVVLVTAAGNFRD
DACLYSPASAPEVITVGATNAQDQPVTLGTLGTNFGRCVDLFAPGEDIIGASSDCSTCFVSQSGTSQAAAHVAGIAAMML
SAEPELTLAELRQRLIHFSAKDVINEAWFPEDQRVLTPNLVAALPPSTHGAGNSHHHHHH
;
A
2 'polypeptide(L)' CRLPWNLQRIGLPC Y
3 'polypeptide(L)' (ACE)TVFTSWEEYLDWV(NH2) Z
#
# COMPACT_ATOMS: atom_id res chain seq x y z
N THR A 61 -26.44 -15.65 -4.38
CA THR A 61 -25.96 -16.55 -3.32
C THR A 61 -24.53 -16.21 -2.91
N ALA A 62 -24.24 -16.38 -1.59
CA ALA A 62 -22.95 -16.09 -0.98
C ALA A 62 -21.85 -17.05 -1.43
N THR A 63 -20.63 -16.52 -1.60
CA THR A 63 -19.43 -17.28 -2.05
C THR A 63 -18.27 -17.22 -1.04
N PHE A 64 -17.48 -18.32 -0.97
CA PHE A 64 -16.31 -18.40 -0.11
C PHE A 64 -15.03 -18.28 -0.93
N HIS A 65 -14.05 -17.51 -0.44
CA HIS A 65 -12.78 -17.24 -1.11
C HIS A 65 -11.61 -17.35 -0.14
N ARG A 66 -10.50 -17.90 -0.63
CA ARG A 66 -9.25 -18.02 0.13
C ARG A 66 -8.06 -17.86 -0.81
N CYS A 67 -6.95 -17.28 -0.29
CA CYS A 67 -5.70 -17.02 -1.00
C CYS A 67 -5.22 -18.25 -1.79
N ALA A 68 -5.03 -18.09 -3.13
CA ALA A 68 -4.57 -19.16 -4.02
C ALA A 68 -3.14 -19.59 -3.71
N LYS A 69 -2.33 -18.65 -3.17
CA LYS A 69 -0.96 -18.92 -2.73
C LYS A 69 -1.10 -19.53 -1.32
N ASP A 70 -1.06 -20.87 -1.26
CA ASP A 70 -1.23 -21.69 -0.06
C ASP A 70 -0.36 -21.26 1.15
N PRO A 71 0.98 -21.00 1.04
CA PRO A 71 1.74 -20.60 2.24
C PRO A 71 1.24 -19.32 2.91
N TRP A 72 0.68 -18.40 2.11
CA TRP A 72 0.17 -17.10 2.54
C TRP A 72 -1.18 -17.14 3.24
N ARG A 73 -1.87 -18.29 3.23
CA ARG A 73 -3.18 -18.48 3.85
C ARG A 73 -3.05 -18.42 5.39
N LEU A 74 -4.09 -17.91 6.05
CA LEU A 74 -4.12 -17.83 7.51
C LEU A 74 -5.47 -18.40 8.01
N PRO A 75 -5.60 -19.75 8.10
CA PRO A 75 -6.89 -20.36 8.47
C PRO A 75 -7.34 -20.10 9.88
N GLY A 76 -8.66 -20.16 10.09
CA GLY A 76 -9.29 -19.95 11.39
C GLY A 76 -9.81 -18.54 11.62
N THR A 77 -9.39 -17.59 10.75
CA THR A 77 -9.78 -16.18 10.81
C THR A 77 -10.49 -15.81 9.50
N TYR A 78 -11.73 -15.29 9.60
CA TYR A 78 -12.53 -14.97 8.42
C TYR A 78 -13.11 -13.55 8.39
N VAL A 79 -13.12 -12.94 7.19
CA VAL A 79 -13.71 -11.63 6.95
C VAL A 79 -15.08 -11.91 6.31
N VAL A 80 -16.17 -11.68 7.08
CA VAL A 80 -17.52 -11.90 6.58
C VAL A 80 -17.99 -10.58 5.99
N VAL A 81 -18.06 -10.50 4.65
CA VAL A 81 -18.47 -9.29 3.93
C VAL A 81 -19.96 -9.33 3.63
N LEU A 82 -20.66 -8.26 3.99
CA LEU A 82 -22.10 -8.14 3.81
C LEU A 82 -22.45 -7.22 2.67
N LYS A 83 -23.74 -7.18 2.29
CA LYS A 83 -24.27 -6.39 1.18
C LYS A 83 -24.17 -4.88 1.42
N GLU A 84 -23.53 -4.19 0.46
CA GLU A 84 -23.21 -2.74 0.37
C GLU A 84 -23.94 -1.81 1.35
N GLU A 85 -25.30 -1.85 1.39
CA GLU A 85 -26.08 -0.91 2.20
C GLU A 85 -26.51 -1.44 3.58
N THR A 86 -25.76 -2.42 4.13
CA THR A 86 -26.02 -2.98 5.47
C THR A 86 -25.53 -1.99 6.54
N HIS A 87 -26.40 -1.73 7.54
CA HIS A 87 -26.15 -0.84 8.68
C HIS A 87 -25.38 -1.56 9.79
N LEU A 88 -24.65 -0.79 10.63
CA LEU A 88 -23.86 -1.28 11.76
C LEU A 88 -24.66 -2.18 12.72
N SER A 89 -25.91 -1.81 13.05
CA SER A 89 -26.82 -2.58 13.91
C SER A 89 -27.15 -3.93 13.26
N GLN A 90 -27.37 -3.94 11.93
CA GLN A 90 -27.67 -5.14 11.15
C GLN A 90 -26.47 -6.07 11.16
N SER A 91 -25.24 -5.50 10.97
CA SER A 91 -23.98 -6.25 10.98
CA SER A 91 -23.99 -6.26 10.97
C SER A 91 -23.72 -6.85 12.35
N GLU A 92 -23.93 -6.06 13.43
CA GLU A 92 -23.73 -6.54 14.80
C GLU A 92 -24.69 -7.67 15.14
N ARG A 93 -25.99 -7.54 14.74
CA ARG A 93 -27.02 -8.57 14.94
C ARG A 93 -26.66 -9.86 14.22
N THR A 94 -26.03 -9.75 13.03
CA THR A 94 -25.59 -10.88 12.22
C THR A 94 -24.41 -11.60 12.88
N ALA A 95 -23.49 -10.87 13.51
CA ALA A 95 -22.35 -11.47 14.22
C ALA A 95 -22.84 -12.23 15.48
N ARG A 96 -23.87 -11.69 16.15
CA ARG A 96 -24.46 -12.31 17.34
C ARG A 96 -25.24 -13.57 16.95
N ARG A 97 -25.94 -13.54 15.79
CA ARG A 97 -26.70 -14.66 15.21
C ARG A 97 -25.71 -15.79 14.94
N LEU A 98 -24.57 -15.46 14.28
CA LEU A 98 -23.49 -16.40 14.02
C LEU A 98 -22.94 -16.97 15.32
N GLN A 99 -22.69 -16.12 16.33
CA GLN A 99 -22.17 -16.58 17.63
C GLN A 99 -23.13 -17.51 18.36
N ALA A 100 -24.45 -17.21 18.29
CA ALA A 100 -25.51 -18.00 18.93
C ALA A 100 -25.72 -19.35 18.25
N GLN A 101 -25.74 -19.37 16.90
CA GLN A 101 -25.92 -20.60 16.11
C GLN A 101 -24.72 -21.53 16.25
N ALA A 102 -23.51 -20.95 16.36
CA ALA A 102 -22.27 -21.71 16.55
C ALA A 102 -22.23 -22.33 17.94
N ALA A 103 -22.58 -21.56 19.01
CA ALA A 103 -22.60 -22.05 20.40
C ALA A 103 -23.58 -23.21 20.56
N ARG A 104 -24.75 -23.11 19.88
CA ARG A 104 -25.82 -24.11 19.83
C ARG A 104 -25.30 -25.43 19.23
N ARG A 105 -24.27 -25.33 18.35
CA ARG A 105 -23.60 -26.47 17.70
C ARG A 105 -22.28 -26.84 18.44
N GLY A 106 -22.08 -26.25 19.63
CA GLY A 106 -20.90 -26.47 20.46
C GLY A 106 -19.60 -25.91 19.92
N TYR A 107 -19.66 -24.71 19.29
CA TYR A 107 -18.49 -24.04 18.72
C TYR A 107 -18.19 -22.72 19.41
N LEU A 108 -16.92 -22.45 19.63
CA LEU A 108 -16.36 -21.27 20.28
C LEU A 108 -15.95 -20.25 19.20
N THR A 109 -16.66 -19.09 19.13
CA THR A 109 -16.37 -18.01 18.17
C THR A 109 -16.04 -16.69 18.90
N LYS A 110 -15.11 -15.90 18.32
CA LYS A 110 -14.71 -14.60 18.87
CA LYS A 110 -14.67 -14.61 18.86
C LYS A 110 -14.82 -13.53 17.79
N ILE A 111 -15.60 -12.47 18.06
CA ILE A 111 -15.72 -11.39 17.07
C ILE A 111 -14.59 -10.41 17.36
N LEU A 112 -13.57 -10.39 16.49
CA LEU A 112 -12.40 -9.53 16.67
C LEU A 112 -12.63 -8.06 16.33
N HIS A 113 -13.48 -7.78 15.33
CA HIS A 113 -13.75 -6.43 14.83
C HIS A 113 -14.98 -6.40 13.94
N VAL A 114 -15.73 -5.28 13.97
CA VAL A 114 -16.91 -5.07 13.12
C VAL A 114 -16.65 -3.86 12.22
N PHE A 115 -16.58 -4.10 10.91
CA PHE A 115 -16.33 -3.12 9.85
C PHE A 115 -17.54 -2.24 9.54
N HIS A 116 -17.27 -0.93 9.37
CA HIS A 116 -18.22 0.11 8.99
C HIS A 116 -17.43 1.35 8.59
N GLY A 117 -17.75 1.87 7.39
CA GLY A 117 -17.09 3.03 6.82
C GLY A 117 -16.91 2.83 5.33
N LEU A 118 -16.28 1.70 4.97
CA LEU A 118 -16.04 1.29 3.58
C LEU A 118 -16.90 0.08 3.23
N LEU A 119 -16.82 -1.01 4.04
CA LEU A 119 -17.58 -2.23 3.79
C LEU A 119 -18.39 -2.70 4.99
N PRO A 120 -19.66 -3.10 4.79
CA PRO A 120 -20.41 -3.68 5.91
C PRO A 120 -19.93 -5.11 6.13
N GLY A 121 -19.41 -5.38 7.33
CA GLY A 121 -18.87 -6.70 7.64
C GLY A 121 -18.27 -6.82 9.01
N PHE A 122 -17.67 -8.00 9.29
CA PHE A 122 -17.01 -8.31 10.55
C PHE A 122 -15.91 -9.34 10.37
N LEU A 123 -15.00 -9.38 11.35
CA LEU A 123 -13.86 -10.29 11.44
C LEU A 123 -14.18 -11.33 12.53
N VAL A 124 -14.02 -12.63 12.22
CA VAL A 124 -14.37 -13.69 13.17
C VAL A 124 -13.31 -14.81 13.23
N LYS A 125 -12.84 -15.12 14.45
CA LYS A 125 -11.92 -16.23 14.69
C LYS A 125 -12.82 -17.42 15.05
N MET A 126 -12.86 -18.41 14.16
CA MET A 126 -13.73 -19.59 14.29
C MET A 126 -13.23 -20.74 13.44
N SER A 127 -13.85 -21.92 13.62
CA SER A 127 -13.54 -23.11 12.82
C SER A 127 -14.20 -22.96 11.45
N GLY A 128 -13.59 -23.60 10.46
CA GLY A 128 -14.08 -23.64 9.09
C GLY A 128 -15.37 -24.43 9.00
N ASP A 129 -15.55 -25.39 9.93
CA ASP A 129 -16.74 -26.23 10.02
C ASP A 129 -18.03 -25.42 9.99
N LEU A 130 -17.94 -24.14 10.36
CA LEU A 130 -19.06 -23.19 10.44
C LEU A 130 -19.31 -22.37 9.18
N LEU A 131 -18.44 -22.49 8.14
CA LEU A 131 -18.56 -21.69 6.92
C LEU A 131 -19.86 -21.91 6.16
N GLU A 132 -20.30 -23.18 5.94
CA GLU A 132 -21.58 -23.50 5.27
C GLU A 132 -22.77 -22.79 5.95
N LEU A 133 -22.77 -22.77 7.30
CA LEU A 133 -23.76 -22.12 8.15
C LEU A 133 -23.63 -20.57 8.08
N ALA A 134 -22.39 -20.04 8.19
CA ALA A 134 -22.08 -18.60 8.10
C ALA A 134 -22.51 -18.04 6.74
N LEU A 135 -22.36 -18.84 5.66
CA LEU A 135 -22.80 -18.47 4.32
C LEU A 135 -24.34 -18.36 4.21
N LYS A 136 -25.10 -19.04 5.12
CA LYS A 136 -26.58 -19.05 5.19
C LYS A 136 -27.17 -17.85 5.94
N LEU A 137 -26.33 -17.04 6.65
CA LEU A 137 -26.76 -15.86 7.41
C LEU A 137 -27.35 -14.80 6.47
N PRO A 138 -28.27 -13.90 6.92
CA PRO A 138 -28.80 -12.88 6.00
C PRO A 138 -27.77 -11.78 5.75
N HIS A 139 -27.97 -11.00 4.66
CA HIS A 139 -27.12 -9.86 4.25
C HIS A 139 -25.74 -10.25 3.73
N VAL A 140 -25.26 -11.48 4.00
CA VAL A 140 -23.94 -11.98 3.60
C VAL A 140 -23.76 -11.92 2.09
N ASP A 141 -22.67 -11.30 1.65
CA ASP A 141 -22.30 -11.18 0.23
C ASP A 141 -21.27 -12.28 -0.08
N TYR A 142 -20.13 -12.27 0.64
CA TYR A 142 -19.06 -13.25 0.50
C TYR A 142 -18.24 -13.34 1.77
N ILE A 143 -17.48 -14.42 1.95
CA ILE A 143 -16.61 -14.59 3.11
C ILE A 143 -15.20 -14.88 2.61
N GLU A 144 -14.24 -14.09 3.06
CA GLU A 144 -12.86 -14.29 2.67
C GLU A 144 -12.00 -14.71 3.83
N GLU A 145 -11.19 -15.74 3.64
CA GLU A 145 -10.25 -16.23 4.67
C GLU A 145 -9.05 -15.30 4.69
N ASP A 146 -8.60 -14.91 5.89
CA ASP A 146 -7.47 -14.00 6.07
C ASP A 146 -6.19 -14.58 5.48
N SER A 147 -5.37 -13.69 4.90
CA SER A 147 -4.10 -14.03 4.29
C SER A 147 -3.04 -12.98 4.62
N SER A 148 -1.77 -13.35 4.38
CA SER A 148 -0.64 -12.47 4.68
C SER A 148 -0.34 -11.49 3.56
N VAL A 149 0.22 -10.33 3.95
CA VAL A 149 0.70 -9.25 3.09
C VAL A 149 2.15 -8.98 3.49
N PHE A 150 2.99 -8.64 2.52
CA PHE A 150 4.42 -8.43 2.76
C PHE A 150 4.92 -7.10 2.24
N ALA A 151 5.91 -6.52 2.96
CA ALA A 151 6.61 -5.28 2.62
C ALA A 151 7.31 -5.49 1.27
N GLN A 152 7.37 -4.44 0.41
CA GLN A 152 8.02 -4.59 -0.90
C GLN A 152 9.32 -3.72 -1.02
N GLY A 176 7.18 21.50 -2.16
CA GLY A 176 5.81 21.26 -2.58
C GLY A 176 5.15 20.06 -1.94
N GLY A 177 3.80 20.04 -1.99
CA GLY A 177 2.96 18.99 -1.43
C GLY A 177 2.37 19.35 -0.08
N SER A 178 2.36 20.66 0.27
CA SER A 178 1.95 21.24 1.56
C SER A 178 0.50 20.96 1.99
N LEU A 179 -0.50 21.24 1.11
CA LEU A 179 -1.93 21.06 1.46
C LEU A 179 -2.44 19.63 1.21
N VAL A 180 -1.51 18.67 1.00
CA VAL A 180 -1.82 17.27 0.79
C VAL A 180 -1.18 16.41 1.91
N GLU A 181 -1.98 15.51 2.51
CA GLU A 181 -1.52 14.61 3.55
C GLU A 181 -1.31 13.19 3.00
N VAL A 182 -0.12 12.64 3.25
CA VAL A 182 0.25 11.31 2.79
C VAL A 182 0.08 10.31 3.94
N TYR A 183 -0.73 9.28 3.71
CA TYR A 183 -0.93 8.22 4.68
C TYR A 183 -0.07 7.03 4.29
N LEU A 184 0.77 6.55 5.22
CA LEU A 184 1.66 5.42 4.97
C LEU A 184 1.27 4.19 5.81
N LEU A 185 0.75 3.15 5.15
CA LEU A 185 0.38 1.88 5.80
C LEU A 185 1.60 0.98 5.66
N ASP A 186 2.43 0.92 6.71
CA ASP A 186 3.69 0.16 6.66
C ASP A 186 4.13 -0.33 8.04
N THR A 187 5.46 -0.46 8.24
CA THR A 187 6.09 -0.87 9.49
C THR A 187 6.14 0.35 10.41
N SER A 188 6.69 0.17 11.63
CA SER A 188 6.92 1.27 12.55
C SER A 188 7.97 2.20 11.90
N ILE A 189 7.88 3.51 12.19
CA ILE A 189 8.79 4.47 11.58
C ILE A 189 9.59 5.22 12.65
N GLN A 190 10.81 5.68 12.30
CA GLN A 190 11.68 6.47 13.18
C GLN A 190 11.42 7.97 12.91
N SER A 191 10.38 8.52 13.56
CA SER A 191 9.93 9.90 13.42
C SER A 191 10.92 10.98 13.87
N ASP A 192 11.89 10.63 14.74
CA ASP A 192 12.90 11.56 15.26
C ASP A 192 14.12 11.71 14.30
N HIS A 193 14.12 11.00 13.15
CA HIS A 193 15.18 11.05 12.13
C HIS A 193 15.25 12.44 11.53
N ARG A 194 16.46 13.05 11.53
CA ARG A 194 16.74 14.41 11.04
C ARG A 194 16.26 14.70 9.60
N GLU A 195 15.92 13.65 8.83
CA GLU A 195 15.42 13.74 7.47
C GLU A 195 13.89 13.95 7.45
N ILE A 196 13.15 13.20 8.31
CA ILE A 196 11.68 13.25 8.38
C ILE A 196 11.13 13.80 9.72
N GLU A 197 11.99 14.49 10.51
CA GLU A 197 11.60 15.11 11.78
C GLU A 197 10.62 16.25 11.51
N GLY A 198 9.46 16.18 12.14
CA GLY A 198 8.39 17.17 12.00
C GLY A 198 7.38 16.85 10.91
N ARG A 199 7.86 16.27 9.79
CA ARG A 199 7.06 15.90 8.62
C ARG A 199 6.06 14.79 8.89
N VAL A 200 6.43 13.79 9.71
CA VAL A 200 5.59 12.61 9.96
C VAL A 200 4.94 12.61 11.34
N MET A 201 3.64 12.25 11.35
CA MET A 201 2.83 12.11 12.54
C MET A 201 2.52 10.61 12.69
N VAL A 202 3.05 10.00 13.74
CA VAL A 202 2.86 8.60 14.05
C VAL A 202 1.51 8.49 14.75
N THR A 203 0.53 7.88 14.06
CA THR A 203 -0.83 7.66 14.58
C THR A 203 -0.79 6.52 15.60
N ASP A 204 -1.76 6.49 16.53
CA ASP A 204 -1.81 5.44 17.57
C ASP A 204 -2.19 4.05 17.00
N PHE A 205 -2.60 4.00 15.70
CA PHE A 205 -2.98 2.78 15.00
C PHE A 205 -1.85 1.78 14.87
N GLU A 206 -2.11 0.53 15.32
CA GLU A 206 -1.21 -0.62 15.25
C GLU A 206 -2.04 -1.90 15.17
N ASN A 207 -1.80 -2.70 14.13
CA ASN A 207 -2.46 -3.97 13.87
C ASN A 207 -1.51 -4.86 13.07
N VAL A 208 -0.65 -5.58 13.79
CA VAL A 208 0.38 -6.44 13.20
C VAL A 208 0.32 -7.90 13.69
N PRO A 209 0.55 -8.91 12.82
CA PRO A 209 0.58 -10.30 13.32
C PRO A 209 1.90 -10.57 14.05
N GLU A 210 1.92 -11.56 14.97
CA GLU A 210 3.12 -11.86 15.75
C GLU A 210 4.24 -12.48 14.92
N GLU A 211 5.47 -12.05 15.23
CA GLU A 211 6.73 -12.45 14.60
C GLU A 211 7.03 -13.93 14.87
N ASP A 212 7.53 -14.64 13.85
CA ASP A 212 7.86 -16.06 13.91
C ASP A 212 9.36 -16.28 14.01
N SER A 221 15.52 0.14 15.16
CA SER A 221 16.47 -0.04 14.06
C SER A 221 15.84 -0.84 12.90
N LYS A 222 16.32 -2.08 12.62
CA LYS A 222 15.86 -2.96 11.54
C LYS A 222 14.33 -3.21 11.51
N CYS A 223 13.64 -3.00 12.64
CA CYS A 223 12.19 -3.15 12.74
C CYS A 223 11.46 -1.93 12.11
N ASP A 224 12.11 -0.75 12.16
CA ASP A 224 11.62 0.52 11.65
C ASP A 224 12.18 0.83 10.25
N SER A 225 13.21 0.06 9.83
CA SER A 225 13.97 0.18 8.58
C SER A 225 13.16 0.50 7.32
N HIS A 226 12.18 -0.36 6.95
CA HIS A 226 11.36 -0.22 5.75
C HIS A 226 10.56 1.09 5.70
N GLY A 227 9.77 1.37 6.74
CA GLY A 227 8.92 2.55 6.84
C GLY A 227 9.64 3.89 6.81
N THR A 228 10.80 3.99 7.47
CA THR A 228 11.63 5.20 7.56
C THR A 228 12.17 5.60 6.18
N HIS A 229 12.68 4.63 5.42
CA HIS A 229 13.22 4.84 4.08
C HIS A 229 12.17 5.39 3.11
N LEU A 230 10.94 4.81 3.14
CA LEU A 230 9.82 5.24 2.30
C LEU A 230 9.28 6.59 2.71
N ALA A 231 9.32 6.90 4.02
CA ALA A 231 8.93 8.21 4.52
C ALA A 231 10.00 9.21 4.05
N GLY A 232 11.25 8.73 3.96
CA GLY A 232 12.38 9.51 3.50
C GLY A 232 12.30 9.83 2.01
N VAL A 233 11.88 8.84 1.19
CA VAL A 233 11.74 8.99 -0.26
C VAL A 233 10.60 9.96 -0.56
N VAL A 234 9.47 9.82 0.15
CA VAL A 234 8.29 10.66 -0.05
C VAL A 234 8.52 12.14 0.32
N SER A 235 9.05 12.46 1.53
CA SER A 235 9.16 13.85 1.97
C SER A 235 10.49 14.33 2.59
N GLY A 236 11.52 13.49 2.56
CA GLY A 236 12.83 13.77 3.13
C GLY A 236 13.45 15.13 2.82
N ARG A 237 14.19 15.67 3.79
CA ARG A 237 14.88 16.96 3.72
C ARG A 237 15.94 17.03 2.62
N ASP A 238 16.73 15.95 2.42
CA ASP A 238 17.78 15.91 1.41
C ASP A 238 17.45 15.04 0.19
N ALA A 239 16.99 13.79 0.41
CA ALA A 239 16.68 12.87 -0.68
C ALA A 239 15.18 12.70 -1.01
N GLY A 240 14.33 13.52 -0.39
CA GLY A 240 12.89 13.45 -0.60
C GLY A 240 12.37 14.02 -1.91
N VAL A 241 11.28 13.42 -2.41
CA VAL A 241 10.56 13.81 -3.64
C VAL A 241 9.69 15.04 -3.36
N ALA A 242 8.72 14.93 -2.43
CA ALA A 242 7.80 16.01 -2.04
C ALA A 242 8.19 16.51 -0.64
N LYS A 243 9.29 17.27 -0.58
CA LYS A 243 9.90 17.83 0.63
C LYS A 243 8.91 18.59 1.53
N GLY A 244 8.02 19.36 0.91
CA GLY A 244 7.00 20.14 1.62
C GLY A 244 5.78 19.38 2.10
N ALA A 245 5.66 18.08 1.77
CA ALA A 245 4.52 17.26 2.14
C ALA A 245 4.57 16.70 3.57
N SER A 246 3.40 16.63 4.23
CA SER A 246 3.27 16.07 5.57
C SER A 246 2.71 14.65 5.53
N MET A 247 3.22 13.78 6.42
CA MET A 247 2.83 12.38 6.47
C MET A 247 2.19 11.93 7.78
N ARG A 248 1.32 10.93 7.66
CA ARG A 248 0.63 10.27 8.75
C ARG A 248 0.92 8.78 8.60
N SER A 249 1.59 8.16 9.58
CA SER A 249 1.96 6.75 9.49
C SER A 249 1.09 5.80 10.33
N LEU A 250 0.69 4.67 9.72
CA LEU A 250 -0.10 3.59 10.31
C LEU A 250 0.75 2.34 10.28
N ARG A 251 0.67 1.53 11.35
CA ARG A 251 1.46 0.30 11.41
C ARG A 251 0.60 -0.92 11.08
N VAL A 252 0.89 -1.56 9.94
CA VAL A 252 0.20 -2.75 9.43
C VAL A 252 1.18 -3.92 9.15
N LEU A 253 2.50 -3.64 9.22
CA LEU A 253 3.57 -4.61 9.01
C LEU A 253 4.47 -4.72 10.25
N ASN A 254 4.82 -5.96 10.68
CA ASN A 254 5.66 -6.22 11.86
C ASN A 254 7.17 -6.03 11.61
N CYS A 255 8.03 -6.38 12.59
CA CYS A 255 9.49 -6.25 12.50
C CYS A 255 10.09 -7.07 11.35
N GLN A 256 9.39 -8.13 10.91
CA GLN A 256 9.76 -9.00 9.80
C GLN A 256 9.10 -8.51 8.48
N GLY A 257 8.38 -7.39 8.57
CA GLY A 257 7.68 -6.77 7.44
C GLY A 257 6.49 -7.56 6.94
N LYS A 258 5.75 -8.17 7.87
CA LYS A 258 4.58 -9.00 7.57
C LYS A 258 3.32 -8.42 8.22
N GLY A 259 2.23 -8.46 7.46
CA GLY A 259 0.91 -8.02 7.89
C GLY A 259 -0.17 -9.00 7.47
N THR A 260 -1.43 -8.60 7.64
CA THR A 260 -2.60 -9.40 7.26
C THR A 260 -3.53 -8.56 6.37
N VAL A 261 -4.41 -9.23 5.63
CA VAL A 261 -5.43 -8.60 4.77
C VAL A 261 -6.36 -7.79 5.66
N SER A 262 -6.78 -8.41 6.78
CA SER A 262 -7.68 -7.82 7.76
C SER A 262 -7.03 -6.61 8.43
N GLY A 263 -5.73 -6.73 8.75
CA GLY A 263 -4.96 -5.66 9.36
C GLY A 263 -4.98 -4.40 8.53
N THR A 264 -4.79 -4.57 7.21
CA THR A 264 -4.83 -3.51 6.20
C THR A 264 -6.25 -2.98 6.04
N LEU A 265 -7.27 -3.88 6.10
CA LEU A 265 -8.69 -3.52 6.01
C LEU A 265 -9.08 -2.55 7.13
N ILE A 266 -8.69 -2.89 8.38
CA ILE A 266 -8.91 -2.08 9.59
C ILE A 266 -8.15 -0.75 9.47
N GLY A 267 -6.98 -0.78 8.86
CA GLY A 267 -6.14 0.38 8.60
C GLY A 267 -6.78 1.39 7.65
N LEU A 268 -7.25 0.90 6.48
CA LEU A 268 -7.93 1.72 5.46
C LEU A 268 -9.24 2.31 6.02
N GLU A 269 -9.94 1.54 6.88
CA GLU A 269 -11.17 1.95 7.57
C GLU A 269 -10.88 3.11 8.54
N PHE A 270 -9.72 3.05 9.24
CA PHE A 270 -9.25 4.06 10.19
C PHE A 270 -9.01 5.40 9.48
N ILE A 271 -8.42 5.39 8.25
CA ILE A 271 -8.17 6.58 7.43
C ILE A 271 -9.49 7.25 7.11
N ARG A 272 -10.45 6.45 6.61
CA ARG A 272 -11.80 6.91 6.28
C ARG A 272 -12.47 7.61 7.51
N LYS A 273 -12.42 6.99 8.71
CA LYS A 273 -12.97 7.55 9.97
C LYS A 273 -12.31 8.86 10.40
N SER A 274 -10.96 8.94 10.32
CA SER A 274 -10.13 10.12 10.63
C SER A 274 -10.53 11.32 9.76
N GLN A 275 -10.81 11.05 8.47
CA GLN A 275 -11.24 11.99 7.44
C GLN A 275 -12.66 12.47 7.75
N LEU A 276 -13.56 11.56 8.18
CA LEU A 276 -14.94 11.95 8.51
C LEU A 276 -15.01 12.80 9.79
N VAL A 277 -14.23 12.44 10.82
CA VAL A 277 -14.16 13.11 12.12
C VAL A 277 -13.54 14.52 11.98
N GLN A 278 -12.42 14.64 11.25
CA GLN A 278 -11.73 15.91 11.00
C GLN A 278 -11.34 15.97 9.51
N PRO A 279 -12.23 16.47 8.62
CA PRO A 279 -11.87 16.55 7.19
C PRO A 279 -10.72 17.51 6.90
N VAL A 280 -9.87 17.14 5.95
CA VAL A 280 -8.73 17.95 5.52
C VAL A 280 -8.82 18.18 3.99
N GLY A 281 -7.71 18.12 3.26
CA GLY A 281 -7.71 18.34 1.82
C GLY A 281 -7.45 17.08 1.03
N PRO A 282 -6.73 17.19 -0.12
CA PRO A 282 -6.41 15.98 -0.90
C PRO A 282 -5.58 14.99 -0.08
N LEU A 283 -5.87 13.69 -0.27
CA LEU A 283 -5.20 12.59 0.43
C LEU A 283 -4.57 11.61 -0.53
N VAL A 284 -3.31 11.24 -0.25
CA VAL A 284 -2.53 10.28 -1.04
C VAL A 284 -2.16 9.17 -0.08
N VAL A 285 -2.77 8.01 -0.23
CA VAL A 285 -2.55 6.82 0.59
C VAL A 285 -1.55 5.90 -0.11
N LEU A 286 -0.40 5.65 0.54
CA LEU A 286 0.64 4.77 0.03
C LEU A 286 0.57 3.40 0.69
N LEU A 287 0.53 2.32 -0.14
CA LEU A 287 0.47 0.92 0.30
C LEU A 287 1.70 0.18 -0.24
N PRO A 288 2.85 0.25 0.48
CA PRO A 288 4.07 -0.41 -0.01
C PRO A 288 4.17 -1.87 0.46
N LEU A 289 3.07 -2.58 0.23
CA LEU A 289 2.84 -3.97 0.63
C LEU A 289 2.03 -4.71 -0.44
N ALA A 290 2.10 -6.07 -0.43
CA ALA A 290 1.36 -6.94 -1.35
C ALA A 290 1.22 -8.38 -0.87
N GLY A 291 0.05 -8.96 -1.15
CA GLY A 291 -0.29 -10.34 -0.90
C GLY A 291 -0.91 -10.91 -2.16
N GLY A 292 -1.54 -12.07 -2.06
CA GLY A 292 -2.22 -12.67 -3.21
C GLY A 292 -3.54 -11.97 -3.48
N TYR A 293 -4.10 -12.15 -4.71
CA TYR A 293 -5.38 -11.53 -5.11
C TYR A 293 -6.43 -11.75 -4.02
N SER A 294 -7.04 -10.64 -3.57
CA SER A 294 -8.02 -10.60 -2.49
C SER A 294 -9.25 -9.79 -2.91
N ARG A 295 -10.42 -10.43 -2.92
CA ARG A 295 -11.69 -9.79 -3.28
C ARG A 295 -11.99 -8.64 -2.34
N VAL A 296 -11.85 -8.85 -1.01
CA VAL A 296 -12.16 -7.85 0.02
C VAL A 296 -11.18 -6.63 -0.03
N LEU A 297 -9.84 -6.86 -0.09
CA LEU A 297 -8.83 -5.79 -0.12
C LEU A 297 -8.99 -4.90 -1.34
N ASN A 298 -9.37 -5.47 -2.48
CA ASN A 298 -9.64 -4.73 -3.72
C ASN A 298 -10.91 -3.90 -3.59
N ALA A 299 -12.01 -4.53 -3.06
CA ALA A 299 -13.32 -3.91 -2.84
C ALA A 299 -13.17 -2.65 -1.97
N ALA A 300 -12.41 -2.75 -0.86
CA ALA A 300 -12.11 -1.64 0.05
C ALA A 300 -11.32 -0.52 -0.67
N CYS A 301 -10.31 -0.89 -1.49
CA CYS A 301 -9.51 0.05 -2.26
C CYS A 301 -10.36 0.79 -3.30
N GLN A 302 -11.38 0.12 -3.86
CA GLN A 302 -12.34 0.70 -4.81
C GLN A 302 -13.28 1.73 -4.14
N ARG A 303 -13.77 1.43 -2.91
CA ARG A 303 -14.67 2.32 -2.16
C ARG A 303 -13.94 3.59 -1.74
N LEU A 304 -12.72 3.43 -1.20
CA LEU A 304 -11.83 4.50 -0.76
C LEU A 304 -11.48 5.42 -1.96
N ALA A 305 -11.22 4.84 -3.14
CA ALA A 305 -10.95 5.56 -4.38
C ALA A 305 -12.18 6.36 -4.83
N ARG A 306 -13.37 5.72 -4.80
CA ARG A 306 -14.66 6.32 -5.14
C ARG A 306 -15.02 7.46 -4.18
N ALA A 307 -14.46 7.43 -2.94
CA ALA A 307 -14.63 8.44 -1.90
C ALA A 307 -13.69 9.67 -2.11
N GLY A 308 -12.96 9.68 -3.23
CA GLY A 308 -12.08 10.78 -3.63
C GLY A 308 -10.64 10.70 -3.17
N VAL A 309 -10.27 9.61 -2.47
CA VAL A 309 -8.93 9.40 -1.93
C VAL A 309 -8.03 8.75 -2.99
N VAL A 310 -6.80 9.26 -3.13
CA VAL A 310 -5.80 8.76 -4.08
C VAL A 310 -5.04 7.60 -3.42
N LEU A 311 -5.02 6.43 -4.07
CA LEU A 311 -4.34 5.25 -3.54
C LEU A 311 -3.22 4.85 -4.48
N VAL A 312 -1.97 4.84 -3.97
CA VAL A 312 -0.76 4.47 -4.71
C VAL A 312 -0.22 3.19 -4.08
N THR A 313 0.07 2.18 -4.91
CA THR A 313 0.54 0.88 -4.47
C THR A 313 1.76 0.34 -5.26
N ALA A 314 2.46 -0.63 -4.67
CA ALA A 314 3.60 -1.32 -5.26
C ALA A 314 3.07 -2.41 -6.22
N ALA A 315 3.74 -2.63 -7.37
CA ALA A 315 3.33 -3.67 -8.32
C ALA A 315 3.58 -5.06 -7.75
N GLY A 316 4.65 -5.16 -6.94
CA GLY A 316 5.09 -6.40 -6.32
C GLY A 316 6.45 -6.78 -6.84
N ASN A 317 7.24 -7.47 -6.00
CA ASN A 317 8.59 -7.92 -6.34
C ASN A 317 8.60 -9.45 -6.60
N PHE A 318 7.68 -9.92 -7.47
CA PHE A 318 7.59 -11.35 -7.74
C PHE A 318 7.87 -11.74 -9.18
N ARG A 319 8.30 -10.75 -10.03
CA ARG A 319 8.63 -10.94 -11.45
C ARG A 319 7.44 -11.63 -12.17
N ASP A 320 6.22 -11.25 -11.75
CA ASP A 320 4.97 -11.87 -12.20
C ASP A 320 3.94 -10.84 -12.66
N ASP A 321 2.80 -11.33 -13.15
CA ASP A 321 1.66 -10.52 -13.55
C ASP A 321 1.07 -9.90 -12.25
N ALA A 322 1.04 -8.55 -12.18
CA ALA A 322 0.54 -7.78 -11.02
C ALA A 322 -0.95 -7.98 -10.73
N CYS A 323 -1.70 -8.62 -11.64
CA CYS A 323 -3.13 -8.88 -11.48
C CYS A 323 -3.43 -10.06 -10.54
N LEU A 324 -2.39 -10.77 -10.11
CA LEU A 324 -2.48 -11.93 -9.23
C LEU A 324 -2.17 -11.52 -7.78
N TYR A 325 -1.93 -10.21 -7.57
CA TYR A 325 -1.56 -9.64 -6.27
C TYR A 325 -2.46 -8.47 -5.85
N SER A 326 -2.78 -8.40 -4.56
CA SER A 326 -3.61 -7.35 -3.98
C SER A 326 -2.79 -6.52 -2.97
N PRO A 327 -2.95 -5.18 -2.92
CA PRO A 327 -3.92 -4.33 -3.66
C PRO A 327 -3.57 -3.99 -5.12
N ALA A 328 -2.42 -4.44 -5.66
CA ALA A 328 -2.01 -4.16 -7.04
C ALA A 328 -3.09 -4.38 -8.15
N SER A 329 -3.90 -5.45 -8.03
CA SER A 329 -4.94 -5.80 -8.99
C SER A 329 -6.20 -4.92 -8.96
N ALA A 330 -6.38 -4.09 -7.90
CA ALA A 330 -7.53 -3.18 -7.76
C ALA A 330 -7.47 -2.11 -8.88
N PRO A 331 -8.44 -2.13 -9.84
CA PRO A 331 -8.36 -1.23 -11.02
C PRO A 331 -8.32 0.28 -10.78
N GLU A 332 -9.07 0.82 -9.77
CA GLU A 332 -9.08 2.28 -9.55
C GLU A 332 -7.89 2.81 -8.72
N VAL A 333 -6.78 2.05 -8.67
CA VAL A 333 -5.56 2.37 -7.92
C VAL A 333 -4.41 2.65 -8.91
N ILE A 334 -3.36 3.35 -8.42
CA ILE A 334 -2.14 3.61 -9.17
C ILE A 334 -1.13 2.56 -8.72
N THR A 335 -0.89 1.56 -9.60
CA THR A 335 0.02 0.42 -9.42
C THR A 335 1.35 0.81 -10.06
N VAL A 336 2.45 0.80 -9.26
CA VAL A 336 3.77 1.23 -9.72
C VAL A 336 4.82 0.11 -9.75
N GLY A 337 5.45 -0.05 -10.91
CA GLY A 337 6.55 -1.00 -11.12
C GLY A 337 7.86 -0.27 -10.98
N ALA A 338 8.97 -1.01 -10.78
CA ALA A 338 10.28 -0.40 -10.62
C ALA A 338 11.22 -0.56 -11.82
N THR A 339 12.00 0.50 -12.12
CA THR A 339 13.02 0.51 -13.18
C THR A 339 14.36 1.01 -12.59
N ASN A 340 15.49 0.64 -13.21
CA ASN A 340 16.81 1.09 -12.75
C ASN A 340 17.32 2.32 -13.54
N ALA A 341 18.56 2.76 -13.22
CA ALA A 341 19.23 3.91 -13.83
C ALA A 341 19.41 3.73 -15.33
N GLN A 342 19.45 2.48 -15.81
CA GLN A 342 19.63 2.19 -17.23
C GLN A 342 18.31 1.88 -17.94
N ASP A 343 17.18 2.51 -17.48
CA ASP A 343 15.82 2.34 -18.04
C ASP A 343 15.48 0.86 -18.33
N GLN A 344 15.81 0.00 -17.37
CA GLN A 344 15.66 -1.45 -17.44
C GLN A 344 14.84 -1.85 -16.20
N PRO A 345 13.87 -2.79 -16.28
CA PRO A 345 13.11 -3.17 -15.07
C PRO A 345 14.03 -3.79 -14.03
N VAL A 346 13.80 -3.45 -12.75
CA VAL A 346 14.62 -3.89 -11.62
C VAL A 346 14.57 -5.40 -11.40
N THR A 347 15.76 -6.01 -11.25
CA THR A 347 15.95 -7.42 -10.95
C THR A 347 16.39 -7.50 -9.47
N LEU A 348 15.64 -8.27 -8.66
CA LEU A 348 15.87 -8.45 -7.23
C LEU A 348 16.11 -9.93 -6.99
N GLY A 349 17.35 -10.35 -7.18
CA GLY A 349 17.74 -11.74 -7.06
C GLY A 349 17.17 -12.54 -8.22
N THR A 350 16.49 -13.65 -7.91
CA THR A 350 15.81 -14.52 -8.90
C THR A 350 14.52 -13.86 -9.39
N LEU A 351 14.00 -12.94 -8.58
CA LEU A 351 12.78 -12.22 -8.89
C LEU A 351 13.09 -10.78 -9.35
N GLY A 352 12.11 -9.90 -9.23
CA GLY A 352 12.21 -8.51 -9.64
C GLY A 352 10.83 -7.91 -9.75
N THR A 353 10.71 -6.72 -10.36
CA THR A 353 9.44 -6.01 -10.52
C THR A 353 8.36 -6.81 -11.26
N ASN A 354 7.10 -6.51 -10.92
CA ASN A 354 5.94 -7.10 -11.55
C ASN A 354 5.60 -6.32 -12.82
N PHE A 355 4.65 -6.84 -13.62
CA PHE A 355 4.25 -6.24 -14.90
C PHE A 355 2.79 -6.59 -15.23
N GLY A 356 2.37 -6.31 -16.46
CA GLY A 356 1.02 -6.60 -16.93
C GLY A 356 0.13 -5.39 -17.12
N ARG A 357 -1.13 -5.67 -17.50
CA ARG A 357 -2.19 -4.69 -17.75
C ARG A 357 -2.66 -3.97 -16.47
N CYS A 358 -2.27 -4.47 -15.27
CA CYS A 358 -2.64 -3.88 -13.99
C CYS A 358 -1.73 -2.71 -13.58
N VAL A 359 -0.44 -2.75 -14.01
CA VAL A 359 0.55 -1.69 -13.75
C VAL A 359 0.14 -0.46 -14.58
N ASP A 360 0.16 0.73 -13.94
CA ASP A 360 -0.23 2.00 -14.58
C ASP A 360 0.97 2.71 -15.21
N LEU A 361 2.11 2.68 -14.50
CA LEU A 361 3.39 3.29 -14.87
C LEU A 361 4.51 2.72 -14.00
N PHE A 362 5.74 3.14 -14.25
CA PHE A 362 6.93 2.70 -13.53
C PHE A 362 7.61 3.92 -12.95
N ALA A 363 8.56 3.71 -12.03
CA ALA A 363 9.33 4.79 -11.41
C ALA A 363 10.63 4.25 -10.85
N PRO A 364 11.69 5.10 -10.66
CA PRO A 364 12.96 4.61 -10.09
C PRO A 364 12.82 3.64 -8.91
N GLY A 365 13.52 2.52 -8.97
CA GLY A 365 13.42 1.49 -7.93
C GLY A 365 14.69 0.78 -7.52
N GLU A 366 15.80 0.93 -8.27
CA GLU A 366 17.08 0.32 -7.93
C GLU A 366 17.96 1.46 -7.44
N ASP A 367 18.76 1.25 -6.36
CA ASP A 367 19.65 2.27 -5.76
C ASP A 367 18.91 3.56 -5.32
N ILE A 368 17.93 3.41 -4.43
CA ILE A 368 17.18 4.57 -3.95
C ILE A 368 17.72 4.94 -2.58
N ILE A 369 18.43 6.09 -2.52
CA ILE A 369 19.00 6.62 -1.28
C ILE A 369 17.91 7.29 -0.43
N GLY A 370 17.88 6.95 0.86
CA GLY A 370 16.92 7.50 1.80
C GLY A 370 17.29 7.28 3.25
N ALA A 371 16.36 7.67 4.13
CA ALA A 371 16.57 7.59 5.57
C ALA A 371 16.78 6.17 6.10
N SER A 372 17.88 6.00 6.84
CA SER A 372 18.25 4.75 7.49
C SER A 372 17.91 4.90 8.98
N SER A 373 17.15 3.94 9.53
CA SER A 373 16.74 3.91 10.93
C SER A 373 17.91 3.55 11.88
N ASP A 374 19.10 3.23 11.35
CA ASP A 374 20.29 2.90 12.14
C ASP A 374 20.67 4.04 13.09
N CYS A 375 20.78 5.26 12.56
CA CYS A 375 21.01 6.48 13.36
C CYS A 375 20.16 7.63 12.83
N SER A 376 20.01 8.71 13.63
CA SER A 376 19.19 9.89 13.35
C SER A 376 19.59 10.68 12.09
N THR A 377 20.84 10.53 11.63
CA THR A 377 21.36 11.23 10.45
C THR A 377 21.76 10.25 9.33
N CYS A 378 21.60 8.95 9.60
CA CYS A 378 21.98 7.83 8.73
C CYS A 378 21.14 7.70 7.46
N PHE A 379 21.83 7.35 6.36
CA PHE A 379 21.28 7.11 5.03
C PHE A 379 21.68 5.71 4.50
N VAL A 380 20.76 5.06 3.76
CA VAL A 380 20.95 3.75 3.14
C VAL A 380 20.25 3.69 1.76
N SER A 381 20.75 2.82 0.87
CA SER A 381 20.23 2.57 -0.47
C SER A 381 19.38 1.30 -0.46
N GLN A 382 18.10 1.42 -0.78
CA GLN A 382 17.18 0.29 -0.81
C GLN A 382 16.55 0.12 -2.20
N SER A 383 15.87 -1.00 -2.44
CA SER A 383 15.26 -1.32 -3.73
C SER A 383 13.86 -1.93 -3.61
N GLY A 384 13.12 -1.94 -4.71
CA GLY A 384 11.79 -2.55 -4.74
C GLY A 384 10.70 -1.66 -5.28
N THR A 385 9.52 -2.27 -5.54
CA THR A 385 8.35 -1.55 -6.06
C THR A 385 7.75 -0.60 -5.01
N SER A 386 8.25 -0.67 -3.76
CA SER A 386 7.85 0.20 -2.66
C SER A 386 8.49 1.55 -2.89
N GLN A 387 9.81 1.57 -3.20
CA GLN A 387 10.55 2.80 -3.47
C GLN A 387 10.01 3.48 -4.72
N ALA A 388 9.59 2.69 -5.71
CA ALA A 388 8.99 3.13 -6.98
C ALA A 388 7.65 3.83 -6.73
N ALA A 389 6.79 3.22 -5.89
CA ALA A 389 5.48 3.75 -5.51
C ALA A 389 5.65 5.05 -4.72
N ALA A 390 6.69 5.12 -3.86
CA ALA A 390 7.04 6.29 -3.03
C ALA A 390 7.39 7.54 -3.86
N HIS A 391 7.96 7.35 -5.06
CA HIS A 391 8.29 8.43 -5.99
C HIS A 391 6.97 8.99 -6.55
N VAL A 392 6.07 8.08 -7.01
CA VAL A 392 4.74 8.42 -7.55
C VAL A 392 3.88 9.09 -6.47
N ALA A 393 3.99 8.63 -5.21
CA ALA A 393 3.27 9.20 -4.08
C ALA A 393 3.74 10.65 -3.86
N GLY A 394 5.02 10.91 -4.13
CA GLY A 394 5.62 12.24 -4.03
C GLY A 394 5.20 13.15 -5.16
N ILE A 395 5.19 12.62 -6.40
CA ILE A 395 4.77 13.32 -7.63
C ILE A 395 3.28 13.68 -7.55
N ALA A 396 2.42 12.71 -7.16
CA ALA A 396 0.97 12.90 -7.01
C ALA A 396 0.65 13.93 -5.95
N ALA A 397 1.46 14.00 -4.88
CA ALA A 397 1.30 15.00 -3.81
C ALA A 397 1.54 16.40 -4.37
N MET A 398 2.68 16.59 -5.07
CA MET A 398 3.08 17.85 -5.71
C MET A 398 2.07 18.29 -6.77
N MET A 399 1.54 17.34 -7.57
CA MET A 399 0.55 17.59 -8.61
C MET A 399 -0.80 18.02 -8.05
N LEU A 400 -1.24 17.38 -6.94
CA LEU A 400 -2.50 17.69 -6.28
C LEU A 400 -2.43 18.98 -5.47
N SER A 401 -1.24 19.29 -4.91
CA SER A 401 -1.02 20.52 -4.17
C SER A 401 -1.18 21.70 -5.12
N ALA A 402 -0.70 21.56 -6.37
CA ALA A 402 -0.77 22.56 -7.44
C ALA A 402 -2.14 22.67 -8.12
N GLU A 403 -2.91 21.58 -8.18
CA GLU A 403 -4.27 21.52 -8.77
C GLU A 403 -5.19 20.65 -7.84
N PRO A 404 -5.68 21.21 -6.71
CA PRO A 404 -6.48 20.40 -5.78
C PRO A 404 -7.85 19.93 -6.27
N GLU A 405 -8.45 20.61 -7.26
CA GLU A 405 -9.77 20.26 -7.78
C GLU A 405 -9.78 18.99 -8.68
N LEU A 406 -8.59 18.51 -9.12
CA LEU A 406 -8.42 17.35 -10.00
C LEU A 406 -9.18 16.12 -9.52
N THR A 407 -9.85 15.41 -10.44
CA THR A 407 -10.54 14.16 -10.15
C THR A 407 -9.49 13.07 -10.31
N LEU A 408 -9.72 11.89 -9.68
CA LEU A 408 -8.82 10.74 -9.77
C LEU A 408 -8.45 10.36 -11.22
N ALA A 409 -9.44 10.40 -12.14
CA ALA A 409 -9.23 10.13 -13.56
C ALA A 409 -8.33 11.19 -14.23
N GLU A 410 -8.48 12.46 -13.80
CA GLU A 410 -7.70 13.59 -14.31
C GLU A 410 -6.22 13.48 -13.88
N LEU A 411 -5.97 13.16 -12.59
CA LEU A 411 -4.62 12.99 -12.03
C LEU A 411 -3.86 11.88 -12.74
N ARG A 412 -4.53 10.75 -13.01
CA ARG A 412 -3.98 9.59 -13.70
C ARG A 412 -3.54 9.99 -15.11
N GLN A 413 -4.31 10.89 -15.76
CA GLN A 413 -3.94 11.40 -17.08
C GLN A 413 -2.72 12.27 -17.02
N ARG A 414 -2.58 13.09 -15.95
CA ARG A 414 -1.43 13.96 -15.70
C ARG A 414 -0.18 13.12 -15.46
N LEU A 415 -0.28 12.05 -14.65
CA LEU A 415 0.84 11.14 -14.36
C LEU A 415 1.38 10.51 -15.64
N ILE A 416 0.46 10.04 -16.50
CA ILE A 416 0.74 9.43 -17.80
C ILE A 416 1.31 10.45 -18.78
N HIS A 417 0.64 11.61 -18.95
CA HIS A 417 1.04 12.68 -19.86
C HIS A 417 2.47 13.19 -19.60
N PHE A 418 2.87 13.30 -18.32
CA PHE A 418 4.19 13.82 -17.97
C PHE A 418 5.31 12.75 -17.91
N SER A 419 4.93 11.46 -17.96
CA SER A 419 5.88 10.34 -17.92
C SER A 419 6.73 10.24 -19.18
N ALA A 420 7.99 9.77 -19.02
CA ALA A 420 8.93 9.52 -20.12
C ALA A 420 8.39 8.29 -20.88
N LYS A 421 8.09 8.46 -22.18
CA LYS A 421 7.47 7.40 -22.98
C LYS A 421 8.45 6.59 -23.84
N ASP A 422 8.17 5.27 -23.93
CA ASP A 422 8.90 4.24 -24.69
C ASP A 422 10.43 4.28 -24.44
N VAL A 423 10.82 4.12 -23.18
CA VAL A 423 12.21 4.15 -22.70
C VAL A 423 12.68 2.80 -22.12
N ILE A 424 11.76 2.08 -21.47
CA ILE A 424 12.00 0.78 -20.84
C ILE A 424 12.23 -0.29 -21.89
N ASN A 425 13.19 -1.22 -21.63
CA ASN A 425 13.50 -2.34 -22.50
C ASN A 425 12.41 -3.40 -22.37
N GLU A 426 11.45 -3.40 -23.33
CA GLU A 426 10.32 -4.35 -23.37
C GLU A 426 10.79 -5.80 -23.31
N ALA A 427 11.92 -6.12 -23.98
CA ALA A 427 12.55 -7.44 -24.06
C ALA A 427 12.88 -8.13 -22.70
N TRP A 428 12.71 -7.43 -21.56
CA TRP A 428 12.95 -7.99 -20.22
C TRP A 428 11.70 -8.75 -19.75
N PHE A 429 10.50 -8.31 -20.21
CA PHE A 429 9.21 -8.89 -19.87
C PHE A 429 8.86 -10.06 -20.77
N PRO A 430 8.02 -11.02 -20.28
CA PRO A 430 7.59 -12.14 -21.16
C PRO A 430 6.88 -11.62 -22.40
N GLU A 431 7.17 -12.27 -23.56
CA GLU A 431 6.73 -11.93 -24.92
C GLU A 431 5.31 -11.39 -25.03
N ASP A 432 4.34 -12.05 -24.40
CA ASP A 432 2.94 -11.65 -24.48
C ASP A 432 2.55 -10.50 -23.54
N GLN A 433 3.38 -10.21 -22.52
CA GLN A 433 3.11 -9.14 -21.57
C GLN A 433 3.52 -7.76 -22.08
N ARG A 434 4.46 -7.71 -23.06
CA ARG A 434 5.00 -6.47 -23.65
C ARG A 434 3.95 -5.49 -24.15
N VAL A 435 2.97 -5.98 -24.92
CA VAL A 435 1.90 -5.13 -25.47
C VAL A 435 1.00 -4.61 -24.35
N LEU A 436 0.80 -5.42 -23.30
CA LEU A 436 -0.04 -5.12 -22.13
C LEU A 436 0.61 -4.18 -21.12
N THR A 437 1.93 -4.31 -20.89
CA THR A 437 2.69 -3.48 -19.94
C THR A 437 2.92 -2.05 -20.47
N PRO A 438 2.51 -0.99 -19.72
CA PRO A 438 2.75 0.37 -20.22
C PRO A 438 4.19 0.83 -20.04
N ASN A 439 4.84 1.22 -21.16
CA ASN A 439 6.20 1.71 -21.19
C ASN A 439 6.22 3.19 -20.76
N LEU A 440 6.07 3.45 -19.44
CA LEU A 440 6.01 4.81 -18.90
C LEU A 440 6.85 4.94 -17.62
N VAL A 441 7.71 5.99 -17.56
CA VAL A 441 8.49 6.28 -16.35
C VAL A 441 8.11 7.65 -15.82
N ALA A 442 7.47 7.64 -14.64
CA ALA A 442 7.00 8.78 -13.85
C ALA A 442 7.98 9.95 -13.83
N ALA A 443 7.45 11.17 -14.09
CA ALA A 443 8.23 12.40 -14.10
C ALA A 443 7.36 13.60 -13.78
N LEU A 444 7.95 14.58 -13.08
CA LEU A 444 7.33 15.83 -12.71
C LEU A 444 7.22 16.72 -13.93
N PRO A 445 6.22 17.63 -14.02
CA PRO A 445 6.13 18.53 -15.18
C PRO A 445 7.35 19.46 -15.28
N PRO A 446 7.76 19.90 -16.49
CA PRO A 446 8.91 20.81 -16.58
C PRO A 446 8.53 22.28 -16.39
N CYS B 1 25.49 21.17 -7.80
CA CYS B 1 24.38 20.31 -8.19
C CYS B 1 24.73 18.83 -8.18
N ARG B 2 24.57 18.18 -7.02
CA ARG B 2 24.81 16.76 -6.85
C ARG B 2 23.48 16.17 -6.43
N LEU B 3 22.71 15.71 -7.42
CA LEU B 3 21.38 15.15 -7.22
C LEU B 3 21.38 13.62 -7.47
N PRO B 4 20.74 12.80 -6.58
CA PRO B 4 20.71 11.34 -6.82
C PRO B 4 19.95 11.01 -8.09
N TRP B 5 20.44 10.01 -8.85
CA TRP B 5 19.91 9.58 -10.15
C TRP B 5 18.37 9.57 -10.25
N ASN B 6 17.69 9.03 -9.22
CA ASN B 6 16.23 8.92 -9.10
C ASN B 6 15.54 10.28 -9.08
N LEU B 7 16.10 11.23 -8.31
CA LEU B 7 15.57 12.59 -8.22
C LEU B 7 15.81 13.34 -9.52
N GLN B 8 16.96 13.05 -10.17
CA GLN B 8 17.33 13.64 -11.46
C GLN B 8 16.36 13.14 -12.54
N ARG B 9 16.19 11.81 -12.65
CA ARG B 9 15.30 11.11 -13.59
C ARG B 9 13.85 11.59 -13.53
N ILE B 10 13.28 11.77 -12.32
CA ILE B 10 11.90 12.22 -12.17
C ILE B 10 11.74 13.73 -12.43
N GLY B 11 12.86 14.41 -12.69
CA GLY B 11 12.88 15.83 -13.03
C GLY B 11 12.68 16.81 -11.88
N LEU B 12 13.48 16.66 -10.82
CA LEU B 12 13.45 17.56 -9.68
C LEU B 12 14.59 18.55 -9.90
N PRO B 13 14.40 19.88 -9.73
CA PRO B 13 15.54 20.80 -9.91
C PRO B 13 16.50 20.78 -8.71
N CYS B 14 17.81 20.83 -8.97
CA CYS B 14 18.79 20.85 -7.88
C CYS B 14 19.31 22.26 -7.60
N THR C 2 25.59 -0.42 2.27
CA THR C 2 26.44 0.55 3.00
C THR C 2 25.58 1.65 3.63
N VAL C 3 25.81 1.91 4.93
CA VAL C 3 25.08 2.93 5.68
C VAL C 3 25.99 4.15 5.88
N PHE C 4 25.52 5.35 5.48
CA PHE C 4 26.27 6.59 5.59
C PHE C 4 25.73 7.40 6.78
N THR C 5 26.60 7.70 7.78
CA THR C 5 26.25 8.43 9.01
C THR C 5 25.80 9.89 8.77
N SER C 6 26.15 10.48 7.61
CA SER C 6 25.77 11.84 7.22
C SER C 6 25.41 11.90 5.73
N TRP C 7 24.79 13.00 5.29
CA TRP C 7 24.44 13.20 3.88
C TRP C 7 25.69 13.48 3.05
N GLU C 8 26.65 14.24 3.65
CA GLU C 8 27.95 14.62 3.07
C GLU C 8 28.81 13.39 2.80
N GLU C 9 28.76 12.38 3.70
CA GLU C 9 29.48 11.11 3.58
C GLU C 9 29.05 10.39 2.29
N TYR C 10 27.72 10.34 2.03
CA TYR C 10 27.11 9.74 0.84
C TYR C 10 27.59 10.43 -0.44
N LEU C 11 27.70 11.78 -0.40
CA LEU C 11 28.15 12.60 -1.53
C LEU C 11 29.63 12.37 -1.91
N ASP C 12 30.52 12.13 -0.91
CA ASP C 12 31.95 11.86 -1.17
C ASP C 12 32.12 10.47 -1.78
N TRP C 13 31.19 9.55 -1.44
CA TRP C 13 31.16 8.16 -1.91
C TRP C 13 30.67 8.08 -3.36
N VAL C 14 29.48 8.63 -3.63
CA VAL C 14 28.89 8.60 -4.97
C VAL C 14 29.59 9.60 -5.91
#